data_5Y8J
#
_entry.id   5Y8J
#
_cell.length_a   128.530
_cell.length_b   128.530
_cell.length_c   70.200
_cell.angle_alpha   90.00
_cell.angle_beta   90.00
_cell.angle_gamma   120.00
#
_symmetry.space_group_name_H-M   'P 65'
#
loop_
_entity.id
_entity.type
_entity.pdbx_description
1 polymer 'Probable 3-hydroxyisobutyrate dehydrogenase'
2 non-polymer GLYCEROL
3 non-polymer 'ACRYLIC ACID'
4 non-polymer '(2~{S})-2-methylpentanedioic acid'
5 non-polymer '(2R)-3-HYDROXY-2-METHYLPROPANOIC ACID'
6 water water
#
_entity_poly.entity_id   1
_entity_poly.type   'polypeptide(L)'
_entity_poly.pdbx_seq_one_letter_code
;MMTTIAFLGLGNMGAPMSANLVGAGHVVRGFDPAPTAASGAAAHGVAVFRSAPEAVAEADVVITMLPTGEVVRRCYTDVL
AAARPATLFIDSSTISVTDAREVHALAESHGMLQLDAPVSGGVKGAAAATLAFMVGGDESTLRRARPVLEPMAGKIIHCG
AAGAGQAAKVCNNMVLAVQQIAIAEAFVLAEKLGLSAQSLFDVITGATGNCWAVHTNCPVPGPVPTSPANNDFKPGFSTA
LMNKDLGLAMDAVAATGATAPLGSHAADIYAKFAADHADLDFSAVIHTLRARADA
;
_entity_poly.pdbx_strand_id   A,B
#
# COMPACT_ATOMS: atom_id res chain seq x y z
C MET A 2 -19.79 -5.94 -37.82
N THR A 3 -19.41 -5.51 -36.60
CA THR A 3 -20.21 -5.73 -35.45
C THR A 3 -21.15 -4.54 -35.11
N THR A 4 -22.39 -4.88 -34.81
CA THR A 4 -23.40 -3.87 -34.34
C THR A 4 -23.50 -3.96 -32.84
N ILE A 5 -23.31 -2.85 -32.18
CA ILE A 5 -23.27 -2.77 -30.71
C ILE A 5 -24.35 -1.78 -30.23
N ALA A 6 -25.12 -2.22 -29.23
CA ALA A 6 -26.08 -1.37 -28.57
C ALA A 6 -25.42 -0.95 -27.26
N PHE A 7 -25.35 0.36 -27.02
CA PHE A 7 -24.66 0.94 -25.91
C PHE A 7 -25.72 1.67 -25.06
N LEU A 8 -25.99 1.07 -23.89
CA LEU A 8 -27.10 1.51 -23.02
C LEU A 8 -26.50 2.20 -21.84
N GLY A 9 -26.54 3.51 -21.88
CA GLY A 9 -25.91 4.32 -20.90
C GLY A 9 -24.77 5.10 -21.55
N LEU A 10 -25.05 6.37 -21.83
CA LEU A 10 -24.17 7.20 -22.64
C LEU A 10 -23.74 8.38 -21.80
N GLY A 11 -23.50 8.13 -20.50
CA GLY A 11 -23.03 9.14 -19.56
C GLY A 11 -21.58 9.49 -19.76
N ASN A 12 -20.95 10.01 -18.71
CA ASN A 12 -19.58 10.49 -18.74
C ASN A 12 -18.54 9.45 -19.11
N MET A 13 -18.83 8.18 -18.78
CA MET A 13 -18.00 7.06 -19.26
C MET A 13 -18.52 6.49 -20.58
N GLY A 14 -19.82 6.26 -20.66
CA GLY A 14 -20.41 5.62 -21.84
C GLY A 14 -20.24 6.37 -23.12
N ALA A 15 -20.36 7.71 -23.06
CA ALA A 15 -20.25 8.48 -24.27
C ALA A 15 -18.81 8.34 -24.90
N PRO A 16 -17.71 8.55 -24.15
CA PRO A 16 -16.41 8.43 -24.79
C PRO A 16 -16.13 6.97 -25.21
N MET A 17 -16.66 5.99 -24.46
CA MET A 17 -16.43 4.64 -24.82
C MET A 17 -17.11 4.35 -26.12
N SER A 18 -18.33 4.83 -26.28
CA SER A 18 -19.04 4.53 -27.48
C SER A 18 -18.38 5.23 -28.69
N ALA A 19 -17.84 6.43 -28.48
CA ALA A 19 -17.16 7.14 -29.59
C ALA A 19 -15.91 6.35 -30.04
N ASN A 20 -15.20 5.72 -29.11
CA ASN A 20 -14.08 4.86 -29.48
C ASN A 20 -14.54 3.64 -30.29
N LEU A 21 -15.69 3.06 -29.97
CA LEU A 21 -16.21 1.97 -30.79
C LEU A 21 -16.60 2.44 -32.22
N VAL A 22 -17.22 3.61 -32.30
CA VAL A 22 -17.48 4.20 -33.62
C VAL A 22 -16.17 4.35 -34.38
N GLY A 23 -15.18 4.88 -33.71
CA GLY A 23 -13.91 5.09 -34.34
C GLY A 23 -13.19 3.81 -34.74
N ALA A 24 -13.55 2.66 -34.20
CA ALA A 24 -12.93 1.43 -34.60
C ALA A 24 -13.73 0.65 -35.64
N GLY A 25 -14.75 1.26 -36.20
CA GLY A 25 -15.45 0.66 -37.29
C GLY A 25 -16.70 -0.11 -36.94
N HIS A 26 -17.18 0.00 -35.69
CA HIS A 26 -18.46 -0.64 -35.30
C HIS A 26 -19.63 0.21 -35.60
N VAL A 27 -20.77 -0.44 -35.81
CA VAL A 27 -22.04 0.27 -35.95
C VAL A 27 -22.59 0.34 -34.52
N VAL A 28 -22.77 1.54 -34.00
CA VAL A 28 -23.18 1.71 -32.57
C VAL A 28 -24.57 2.32 -32.48
N ARG A 29 -25.44 1.64 -31.72
CA ARG A 29 -26.80 2.06 -31.48
C ARG A 29 -26.85 2.37 -30.00
N GLY A 30 -27.59 3.34 -29.60
CA GLY A 30 -27.50 3.83 -28.24
C GLY A 30 -28.80 4.19 -27.61
N PHE A 31 -28.78 4.27 -26.27
CA PHE A 31 -29.92 4.77 -25.49
C PHE A 31 -29.41 5.42 -24.26
N ASP A 32 -30.01 6.56 -23.93
CA ASP A 32 -29.76 7.19 -22.61
C ASP A 32 -30.98 8.02 -22.25
N PRO A 33 -31.42 7.98 -20.99
CA PRO A 33 -32.57 8.82 -20.58
C PRO A 33 -32.30 10.34 -20.55
N ALA A 34 -31.06 10.78 -20.58
CA ALA A 34 -30.75 12.23 -20.65
C ALA A 34 -30.55 12.72 -22.07
N PRO A 35 -31.37 13.66 -22.54
CA PRO A 35 -31.19 14.16 -23.91
C PRO A 35 -29.85 14.73 -24.25
N THR A 36 -29.17 15.38 -23.31
CA THR A 36 -27.87 15.94 -23.57
C THR A 36 -26.87 14.82 -23.80
N ALA A 37 -26.93 13.77 -22.98
CA ALA A 37 -26.04 12.59 -23.20
C ALA A 37 -26.27 11.96 -24.55
N ALA A 38 -27.53 11.74 -24.88
CA ALA A 38 -27.94 11.13 -26.14
C ALA A 38 -27.48 11.97 -27.37
N SER A 39 -27.71 13.31 -27.30
CA SER A 39 -27.32 14.24 -28.35
C SER A 39 -25.85 14.25 -28.62
N GLY A 40 -25.07 14.33 -27.54
CA GLY A 40 -23.64 14.31 -27.61
C GLY A 40 -23.18 13.04 -28.28
N ALA A 41 -23.81 11.92 -27.92
CA ALA A 41 -23.40 10.63 -28.47
C ALA A 41 -23.79 10.54 -29.95
N ALA A 42 -24.97 11.03 -30.31
CA ALA A 42 -25.37 11.10 -31.70
C ALA A 42 -24.43 11.98 -32.54
N ALA A 43 -23.79 12.95 -31.91
CA ALA A 43 -22.85 13.82 -32.60
C ALA A 43 -21.59 13.10 -32.97
N HIS A 44 -21.24 12.03 -32.25
CA HIS A 44 -20.06 11.26 -32.63
C HIS A 44 -20.38 9.96 -33.32
N GLY A 45 -21.63 9.81 -33.79
CA GLY A 45 -21.99 8.74 -34.70
C GLY A 45 -22.81 7.59 -34.19
N VAL A 46 -23.27 7.69 -32.95
CA VAL A 46 -24.15 6.68 -32.40
C VAL A 46 -25.58 6.97 -32.91
N ALA A 47 -26.24 5.96 -33.41
CA ALA A 47 -27.65 6.06 -33.73
C ALA A 47 -28.40 5.87 -32.41
N VAL A 48 -29.10 6.92 -31.98
CA VAL A 48 -29.75 6.89 -30.63
C VAL A 48 -31.22 6.58 -30.84
N PHE A 49 -31.76 5.74 -29.98
CA PHE A 49 -33.15 5.33 -30.01
C PHE A 49 -33.83 5.83 -28.78
N ARG A 50 -35.14 5.95 -28.85
CA ARG A 50 -35.94 6.44 -27.75
C ARG A 50 -36.08 5.46 -26.60
N SER A 51 -35.84 4.19 -26.83
CA SER A 51 -35.99 3.21 -25.78
C SER A 51 -34.87 2.17 -25.92
N ALA A 52 -34.50 1.55 -24.82
CA ALA A 52 -33.45 0.57 -24.92
C ALA A 52 -33.80 -0.65 -25.75
N PRO A 53 -35.05 -1.18 -25.64
CA PRO A 53 -35.31 -2.36 -26.47
C PRO A 53 -35.12 -2.09 -27.94
N GLU A 54 -35.38 -0.87 -28.39
CA GLU A 54 -35.20 -0.53 -29.78
C GLU A 54 -33.73 -0.55 -30.16
N ALA A 55 -32.89 0.00 -29.29
CA ALA A 55 -31.45 -0.03 -29.53
C ALA A 55 -30.89 -1.43 -29.65
N VAL A 56 -31.33 -2.32 -28.77
CA VAL A 56 -30.91 -3.68 -28.75
C VAL A 56 -31.31 -4.51 -30.00
N ALA A 57 -32.37 -4.14 -30.73
CA ALA A 57 -33.05 -5.03 -31.67
C ALA A 57 -32.15 -5.66 -32.75
N GLU A 58 -31.23 -4.87 -33.27
CA GLU A 58 -30.35 -5.38 -34.33
C GLU A 58 -28.90 -5.64 -33.85
N ALA A 59 -28.68 -5.67 -32.54
CA ALA A 59 -27.28 -5.66 -32.01
C ALA A 59 -26.69 -7.07 -31.91
N ASP A 60 -25.43 -7.21 -32.17
CA ASP A 60 -24.68 -8.44 -31.89
C ASP A 60 -24.13 -8.43 -30.44
N VAL A 61 -23.91 -7.22 -29.92
CA VAL A 61 -23.31 -7.05 -28.57
C VAL A 61 -24.13 -5.95 -27.92
N VAL A 62 -24.40 -6.09 -26.65
CA VAL A 62 -25.10 -5.08 -25.87
C VAL A 62 -24.23 -4.72 -24.70
N ILE A 63 -23.83 -3.49 -24.62
CA ILE A 63 -23.03 -3.01 -23.49
C ILE A 63 -23.88 -2.10 -22.60
N THR A 64 -23.81 -2.33 -21.28
CA THR A 64 -24.46 -1.45 -20.34
C THR A 64 -23.40 -0.72 -19.51
N MET A 65 -23.67 0.54 -19.32
CA MET A 65 -22.87 1.40 -18.45
C MET A 65 -23.86 2.21 -17.66
N LEU A 66 -24.25 1.67 -16.51
CA LEU A 66 -25.38 2.22 -15.75
C LEU A 66 -25.08 2.37 -14.25
N PRO A 67 -25.89 3.18 -13.52
CA PRO A 67 -25.36 3.60 -12.18
C PRO A 67 -25.50 2.61 -11.04
N THR A 68 -26.48 1.70 -11.11
CA THR A 68 -26.72 0.75 -10.00
C THR A 68 -27.15 -0.62 -10.50
N GLY A 69 -27.03 -1.63 -9.64
CA GLY A 69 -27.47 -3.00 -9.97
C GLY A 69 -28.94 -3.08 -10.31
N GLU A 70 -29.71 -2.29 -9.59
CA GLU A 70 -31.12 -2.20 -9.83
C GLU A 70 -31.45 -1.71 -11.23
N VAL A 71 -30.74 -0.69 -11.68
CA VAL A 71 -30.96 -0.19 -13.03
C VAL A 71 -30.46 -1.21 -14.09
N VAL A 72 -29.33 -1.87 -13.81
CA VAL A 72 -28.83 -2.82 -14.72
C VAL A 72 -29.87 -3.96 -14.83
N ARG A 73 -30.35 -4.50 -13.68
N ARG A 73 -30.34 -4.50 -13.68
CA ARG A 73 -31.35 -5.59 -13.72
CA ARG A 73 -31.35 -5.57 -13.69
C ARG A 73 -32.57 -5.19 -14.53
C ARG A 73 -32.60 -5.19 -14.51
N ARG A 74 -33.14 -4.01 -14.26
CA ARG A 74 -34.32 -3.52 -14.96
C ARG A 74 -34.03 -3.37 -16.47
N CYS A 75 -32.86 -2.90 -16.80
CA CYS A 75 -32.49 -2.79 -18.23
C CYS A 75 -32.50 -4.16 -18.89
N TYR A 76 -31.89 -5.14 -18.21
CA TYR A 76 -31.86 -6.51 -18.76
C TYR A 76 -33.28 -7.08 -18.98
N THR A 77 -34.14 -6.95 -17.97
CA THR A 77 -35.51 -7.49 -18.12
C THR A 77 -36.33 -6.69 -19.16
N ASP A 78 -35.95 -5.44 -19.36
CA ASP A 78 -36.59 -4.59 -20.36
C ASP A 78 -36.07 -4.84 -21.80
N VAL A 79 -34.89 -5.44 -21.96
CA VAL A 79 -34.36 -5.68 -23.31
C VAL A 79 -34.14 -7.12 -23.74
N LEU A 80 -34.12 -8.04 -22.79
CA LEU A 80 -33.67 -9.37 -23.15
C LEU A 80 -34.53 -10.04 -24.22
N ALA A 81 -35.84 -9.93 -24.10
CA ALA A 81 -36.76 -10.44 -25.10
C ALA A 81 -36.59 -9.81 -26.48
N ALA A 82 -36.08 -8.56 -26.55
CA ALA A 82 -35.84 -7.89 -27.80
C ALA A 82 -34.53 -8.31 -28.45
N ALA A 83 -33.60 -8.92 -27.73
CA ALA A 83 -32.31 -9.24 -28.31
C ALA A 83 -32.41 -10.51 -29.15
N ARG A 84 -31.50 -10.63 -30.09
CA ARG A 84 -31.39 -11.83 -30.89
C ARG A 84 -30.70 -12.94 -30.12
N PRO A 85 -30.85 -14.20 -30.56
CA PRO A 85 -30.27 -15.26 -29.76
C PRO A 85 -28.77 -15.21 -29.86
N ALA A 86 -28.14 -15.59 -28.76
CA ALA A 86 -26.70 -15.61 -28.60
C ALA A 86 -26.08 -14.19 -28.78
N THR A 87 -26.85 -13.14 -28.56
CA THR A 87 -26.26 -11.83 -28.40
C THR A 87 -25.31 -11.85 -27.20
N LEU A 88 -24.20 -11.10 -27.33
CA LEU A 88 -23.24 -10.98 -26.25
C LEU A 88 -23.49 -9.72 -25.41
N PHE A 89 -23.82 -9.90 -24.15
CA PHE A 89 -24.06 -8.80 -23.26
C PHE A 89 -22.81 -8.58 -22.44
N ILE A 90 -22.41 -7.35 -22.33
CA ILE A 90 -21.25 -6.97 -21.52
C ILE A 90 -21.65 -5.85 -20.57
N ASP A 91 -21.73 -6.15 -19.26
CA ASP A 91 -22.05 -5.10 -18.30
C ASP A 91 -20.75 -4.48 -17.74
N SER A 92 -20.51 -3.22 -18.11
CA SER A 92 -19.33 -2.53 -17.67
C SER A 92 -19.64 -1.55 -16.55
N SER A 93 -20.88 -1.54 -16.05
CA SER A 93 -21.25 -0.82 -14.81
C SER A 93 -20.38 -1.42 -13.62
N THR A 94 -20.25 -0.64 -12.56
CA THR A 94 -19.68 -1.13 -11.28
C THR A 94 -20.86 -1.29 -10.36
N ILE A 95 -21.21 -2.57 -10.11
CA ILE A 95 -22.31 -2.99 -9.26
C ILE A 95 -21.83 -4.09 -8.35
N SER A 96 -22.67 -4.44 -7.36
CA SER A 96 -22.28 -5.53 -6.50
C SER A 96 -22.08 -6.84 -7.21
N VAL A 97 -21.28 -7.69 -6.56
CA VAL A 97 -20.99 -9.04 -7.05
C VAL A 97 -22.28 -9.83 -7.13
N THR A 98 -23.11 -9.76 -6.08
CA THR A 98 -24.45 -10.40 -6.10
C THR A 98 -25.31 -10.00 -7.27
N ASP A 99 -25.42 -8.70 -7.46
CA ASP A 99 -26.16 -8.14 -8.64
C ASP A 99 -25.60 -8.58 -10.00
N ALA A 100 -24.26 -8.52 -10.13
CA ALA A 100 -23.64 -9.07 -11.29
C ALA A 100 -23.94 -10.52 -11.62
N ARG A 101 -23.83 -11.38 -10.63
CA ARG A 101 -24.17 -12.78 -10.80
C ARG A 101 -25.62 -13.00 -11.13
N GLU A 102 -26.49 -12.21 -10.54
CA GLU A 102 -27.91 -12.35 -10.85
C GLU A 102 -28.19 -11.97 -12.30
N VAL A 103 -27.66 -10.84 -12.77
CA VAL A 103 -27.92 -10.47 -14.14
C VAL A 103 -27.22 -11.36 -15.17
N HIS A 104 -26.06 -11.92 -14.81
CA HIS A 104 -25.39 -12.85 -15.65
C HIS A 104 -26.33 -14.06 -15.88
N ALA A 105 -26.83 -14.61 -14.79
CA ALA A 105 -27.70 -15.81 -14.88
C ALA A 105 -28.97 -15.49 -15.66
N LEU A 106 -29.51 -14.30 -15.46
CA LEU A 106 -30.70 -13.90 -16.24
C LEU A 106 -30.48 -13.88 -17.76
N ALA A 107 -29.38 -13.27 -18.14
CA ALA A 107 -29.02 -13.16 -19.52
C ALA A 107 -28.77 -14.53 -20.14
N GLU A 108 -28.01 -15.37 -19.45
CA GLU A 108 -27.73 -16.69 -19.94
C GLU A 108 -29.04 -17.50 -19.97
N SER A 109 -30.02 -17.36 -19.07
N SER A 109 -30.01 -17.32 -19.06
CA SER A 109 -31.24 -18.17 -19.22
CA SER A 109 -31.29 -18.07 -19.17
C SER A 109 -32.04 -17.80 -20.48
C SER A 109 -32.01 -17.80 -20.48
N HIS A 110 -31.74 -16.64 -21.06
CA HIS A 110 -32.23 -16.30 -22.41
C HIS A 110 -31.41 -16.74 -23.57
N GLY A 111 -30.40 -17.56 -23.35
CA GLY A 111 -29.50 -17.96 -24.45
C GLY A 111 -28.61 -16.89 -24.90
N MET A 112 -28.39 -15.87 -24.05
CA MET A 112 -27.36 -14.89 -24.36
C MET A 112 -26.03 -15.35 -23.75
N LEU A 113 -24.95 -14.68 -24.13
CA LEU A 113 -23.65 -14.83 -23.51
C LEU A 113 -23.35 -13.57 -22.73
N GLN A 114 -22.84 -13.66 -21.51
CA GLN A 114 -22.73 -12.44 -20.69
C GLN A 114 -21.46 -12.40 -19.91
N LEU A 115 -20.89 -11.19 -19.87
CA LEU A 115 -19.76 -10.86 -19.03
C LEU A 115 -20.00 -9.68 -18.13
N ASP A 116 -19.41 -9.70 -16.94
CA ASP A 116 -19.18 -8.46 -16.17
C ASP A 116 -17.78 -7.96 -16.52
N ALA A 117 -17.69 -6.69 -16.84
CA ALA A 117 -16.45 -6.06 -17.27
C ALA A 117 -16.36 -4.62 -16.80
N PRO A 118 -16.40 -4.41 -15.49
CA PRO A 118 -16.27 -3.08 -14.99
C PRO A 118 -14.90 -2.54 -15.27
N VAL A 119 -14.77 -1.24 -15.24
CA VAL A 119 -13.58 -0.58 -15.67
C VAL A 119 -12.97 0.37 -14.63
N SER A 120 -11.65 0.51 -14.70
N SER A 120 -11.65 0.52 -14.66
CA SER A 120 -10.89 1.53 -13.95
CA SER A 120 -10.97 1.61 -13.95
C SER A 120 -10.23 2.44 -14.95
C SER A 120 -10.25 2.45 -14.94
N GLY A 121 -10.07 3.72 -14.59
CA GLY A 121 -9.40 4.69 -15.48
C GLY A 121 -10.19 5.98 -15.59
N GLY A 122 -11.47 5.98 -15.21
CA GLY A 122 -12.29 7.19 -15.27
C GLY A 122 -12.55 7.75 -16.66
N VAL A 123 -13.06 8.96 -16.68
CA VAL A 123 -13.45 9.64 -17.95
C VAL A 123 -12.20 9.80 -18.83
N LYS A 124 -11.04 10.04 -18.17
CA LYS A 124 -9.83 10.35 -18.88
C LYS A 124 -9.41 9.12 -19.60
N GLY A 125 -9.37 8.01 -18.88
CA GLY A 125 -9.12 6.76 -19.53
C GLY A 125 -10.14 6.34 -20.57
N ALA A 126 -11.41 6.68 -20.35
CA ALA A 126 -12.45 6.32 -21.27
C ALA A 126 -12.15 7.04 -22.59
N ALA A 127 -11.91 8.35 -22.49
CA ALA A 127 -11.61 9.13 -23.67
C ALA A 127 -10.33 8.68 -24.38
N ALA A 128 -9.29 8.43 -23.62
CA ALA A 128 -8.00 8.02 -24.19
C ALA A 128 -7.99 6.54 -24.67
N ALA A 129 -9.08 5.79 -24.41
CA ALA A 129 -9.11 4.33 -24.74
C ALA A 129 -8.02 3.53 -23.97
N THR A 130 -7.77 3.90 -22.71
CA THR A 130 -6.83 3.19 -21.86
C THR A 130 -7.48 2.47 -20.68
N LEU A 131 -8.77 2.27 -20.71
CA LEU A 131 -9.44 1.70 -19.54
C LEU A 131 -8.91 0.30 -19.27
N ALA A 132 -8.91 -0.04 -17.98
CA ALA A 132 -8.67 -1.41 -17.56
C ALA A 132 -9.99 -2.12 -17.30
N PHE A 133 -10.24 -3.17 -18.09
CA PHE A 133 -11.44 -4.01 -17.95
C PHE A 133 -11.06 -5.23 -17.14
N MET A 134 -11.80 -5.47 -16.05
CA MET A 134 -11.63 -6.65 -15.19
C MET A 134 -12.88 -7.51 -15.38
N VAL A 135 -12.68 -8.67 -16.01
CA VAL A 135 -13.74 -9.47 -16.57
C VAL A 135 -14.04 -10.73 -15.83
N GLY A 136 -15.33 -10.93 -15.59
CA GLY A 136 -15.85 -12.15 -15.06
C GLY A 136 -16.70 -12.85 -16.12
N GLY A 137 -16.54 -14.15 -16.20
CA GLY A 137 -17.29 -14.96 -17.18
C GLY A 137 -16.44 -16.04 -17.85
N ASP A 138 -16.99 -16.63 -18.89
CA ASP A 138 -16.36 -17.72 -19.59
C ASP A 138 -15.25 -17.15 -20.49
N GLU A 139 -14.14 -17.89 -20.51
CA GLU A 139 -12.95 -17.55 -21.33
C GLU A 139 -13.28 -17.49 -22.79
N SER A 140 -14.06 -18.43 -23.31
CA SER A 140 -14.46 -18.36 -24.71
C SER A 140 -15.36 -17.12 -25.04
N THR A 141 -16.18 -16.71 -24.11
CA THR A 141 -17.03 -15.52 -24.28
C THR A 141 -16.13 -14.28 -24.28
N LEU A 142 -15.18 -14.25 -23.39
CA LEU A 142 -14.20 -13.14 -23.40
C LEU A 142 -13.45 -13.11 -24.75
N ARG A 143 -13.07 -14.29 -25.25
CA ARG A 143 -12.42 -14.32 -26.55
C ARG A 143 -13.27 -13.64 -27.59
N ARG A 144 -14.54 -14.03 -27.68
CA ARG A 144 -15.48 -13.41 -28.58
C ARG A 144 -15.57 -11.85 -28.42
N ALA A 145 -15.59 -11.40 -27.15
CA ALA A 145 -15.74 -9.98 -26.85
C ALA A 145 -14.51 -9.16 -27.12
N ARG A 146 -13.37 -9.84 -27.15
CA ARG A 146 -12.11 -9.12 -27.18
C ARG A 146 -11.97 -7.99 -28.22
N PRO A 147 -12.36 -8.23 -29.48
CA PRO A 147 -12.27 -7.18 -30.49
C PRO A 147 -13.18 -5.99 -30.24
N VAL A 148 -14.24 -6.17 -29.46
CA VAL A 148 -15.02 -5.03 -29.00
C VAL A 148 -14.38 -4.26 -27.89
N LEU A 149 -13.81 -4.96 -26.94
CA LEU A 149 -13.17 -4.34 -25.81
C LEU A 149 -11.87 -3.59 -26.16
N GLU A 150 -11.07 -4.20 -27.02
CA GLU A 150 -9.80 -3.65 -27.41
C GLU A 150 -9.76 -2.15 -27.72
N PRO A 151 -10.65 -1.67 -28.57
CA PRO A 151 -10.68 -0.25 -28.89
C PRO A 151 -11.02 0.67 -27.71
N MET A 152 -11.59 0.15 -26.63
CA MET A 152 -11.82 0.95 -25.45
C MET A 152 -10.74 0.88 -24.41
N ALA A 153 -9.84 -0.05 -24.56
CA ALA A 153 -9.09 -0.58 -23.46
C ALA A 153 -7.57 -0.42 -23.57
N GLY A 154 -6.94 -0.19 -22.44
CA GLY A 154 -5.48 -0.36 -22.26
C GLY A 154 -5.17 -1.73 -21.67
N LYS A 155 -6.10 -2.35 -20.98
CA LYS A 155 -5.87 -3.62 -20.35
C LYS A 155 -7.16 -4.40 -20.25
N ILE A 156 -7.09 -5.70 -20.45
CA ILE A 156 -8.26 -6.56 -20.34
C ILE A 156 -7.82 -7.75 -19.51
N ILE A 157 -8.33 -7.91 -18.30
CA ILE A 157 -7.91 -9.05 -17.44
C ILE A 157 -9.05 -9.96 -17.13
N HIS A 158 -8.87 -11.26 -17.39
CA HIS A 158 -9.87 -12.26 -17.01
C HIS A 158 -9.69 -12.61 -15.54
N CYS A 159 -10.69 -12.35 -14.70
CA CYS A 159 -10.59 -12.50 -13.25
C CYS A 159 -11.19 -13.77 -12.75
N GLY A 160 -11.97 -14.47 -13.58
CA GLY A 160 -12.58 -15.71 -13.22
C GLY A 160 -14.02 -15.75 -13.73
N ALA A 161 -14.84 -16.56 -13.07
CA ALA A 161 -16.25 -16.81 -13.49
C ALA A 161 -17.10 -15.55 -13.22
N ALA A 162 -18.35 -15.56 -13.68
CA ALA A 162 -19.21 -14.40 -13.57
C ALA A 162 -19.18 -13.81 -12.12
N GLY A 163 -19.06 -12.52 -12.06
CA GLY A 163 -18.90 -11.71 -10.88
C GLY A 163 -17.45 -11.45 -10.39
N ALA A 164 -16.49 -12.17 -10.94
CA ALA A 164 -15.09 -12.02 -10.55
C ALA A 164 -14.51 -10.66 -10.94
N GLY A 165 -14.98 -10.08 -12.03
CA GLY A 165 -14.53 -8.76 -12.40
C GLY A 165 -14.92 -7.71 -11.39
N GLN A 166 -16.21 -7.73 -10.98
CA GLN A 166 -16.66 -6.86 -9.93
C GLN A 166 -15.88 -7.09 -8.64
N ALA A 167 -15.70 -8.35 -8.30
CA ALA A 167 -15.02 -8.69 -7.02
C ALA A 167 -13.60 -8.17 -7.04
N ALA A 168 -12.89 -8.42 -8.15
CA ALA A 168 -11.49 -7.94 -8.25
C ALA A 168 -11.39 -6.41 -8.14
N LYS A 169 -12.27 -5.69 -8.85
CA LYS A 169 -12.22 -4.25 -8.72
C LYS A 169 -12.57 -3.74 -7.31
N VAL A 170 -13.56 -4.31 -6.66
CA VAL A 170 -13.97 -3.80 -5.39
C VAL A 170 -12.84 -4.09 -4.34
N CYS A 171 -12.23 -5.25 -4.46
CA CYS A 171 -11.12 -5.60 -3.56
C CYS A 171 -9.92 -4.70 -3.77
N ASN A 172 -9.53 -4.47 -5.01
CA ASN A 172 -8.45 -3.51 -5.26
C ASN A 172 -8.78 -2.11 -4.77
N ASN A 173 -9.99 -1.64 -5.03
CA ASN A 173 -10.31 -0.30 -4.60
C ASN A 173 -10.41 -0.10 -3.06
N MET A 174 -10.83 -1.13 -2.37
CA MET A 174 -10.87 -1.07 -0.89
C MET A 174 -9.42 -0.94 -0.35
N VAL A 175 -8.49 -1.67 -0.97
CA VAL A 175 -7.06 -1.58 -0.55
C VAL A 175 -6.57 -0.16 -0.85
N LEU A 176 -6.89 0.32 -2.04
CA LEU A 176 -6.45 1.67 -2.50
C LEU A 176 -6.90 2.76 -1.52
N ALA A 177 -8.16 2.70 -1.06
CA ALA A 177 -8.69 3.70 -0.14
C ALA A 177 -7.90 3.66 1.18
N VAL A 178 -7.68 2.47 1.67
CA VAL A 178 -6.92 2.30 2.90
C VAL A 178 -5.52 2.92 2.71
N GLN A 179 -4.89 2.58 1.61
CA GLN A 179 -3.56 3.09 1.29
C GLN A 179 -3.56 4.61 1.16
N GLN A 180 -4.60 5.20 0.54
CA GLN A 180 -4.59 6.65 0.40
C GLN A 180 -4.72 7.34 1.74
N ILE A 181 -5.48 6.75 2.67
CA ILE A 181 -5.55 7.35 3.96
C ILE A 181 -4.24 7.16 4.74
N ALA A 182 -3.75 5.94 4.72
CA ALA A 182 -2.52 5.61 5.42
C ALA A 182 -1.36 6.55 5.02
N ILE A 183 -1.21 6.78 3.73
CA ILE A 183 -0.20 7.68 3.23
C ILE A 183 -0.44 9.09 3.74
N ALA A 184 -1.71 9.52 3.75
CA ALA A 184 -1.98 10.83 4.28
C ALA A 184 -1.56 10.96 5.76
N GLU A 185 -1.93 9.95 6.53
CA GLU A 185 -1.52 9.91 7.96
C GLU A 185 0.00 10.03 8.12
N ALA A 186 0.70 9.29 7.29
CA ALA A 186 2.17 9.29 7.31
C ALA A 186 2.77 10.65 6.96
N PHE A 187 2.27 11.36 5.96
CA PHE A 187 2.75 12.70 5.67
C PHE A 187 2.46 13.71 6.78
N VAL A 188 1.29 13.60 7.42
CA VAL A 188 0.96 14.56 8.49
C VAL A 188 1.77 14.26 9.76
N LEU A 189 1.93 12.98 10.07
CA LEU A 189 2.85 12.59 11.19
C LEU A 189 4.27 13.11 10.94
N ALA A 190 4.79 12.91 9.73
CA ALA A 190 6.14 13.34 9.40
C ALA A 190 6.32 14.86 9.64
N GLU A 191 5.39 15.63 9.09
CA GLU A 191 5.39 17.03 9.25
C GLU A 191 5.41 17.45 10.74
N LYS A 192 4.60 16.86 11.55
CA LYS A 192 4.62 17.19 12.98
C LYS A 192 5.93 16.74 13.67
N LEU A 193 6.54 15.66 13.19
CA LEU A 193 7.86 15.25 13.71
C LEU A 193 9.04 16.01 13.17
N GLY A 194 8.81 16.91 12.23
CA GLY A 194 9.83 17.75 11.66
C GLY A 194 10.57 17.09 10.48
N LEU A 195 10.00 16.02 9.92
CA LEU A 195 10.55 15.36 8.75
C LEU A 195 9.88 15.96 7.54
N SER A 196 10.71 16.51 6.62
CA SER A 196 10.15 17.18 5.44
C SER A 196 9.32 16.17 4.55
N ALA A 197 8.39 16.72 3.78
CA ALA A 197 7.61 15.95 2.83
C ALA A 197 8.46 15.30 1.80
N GLN A 198 9.43 16.01 1.26
CA GLN A 198 10.31 15.43 0.25
C GLN A 198 11.14 14.27 0.83
N SER A 199 11.60 14.42 2.08
N SER A 199 11.57 14.42 2.08
CA SER A 199 12.39 13.37 2.74
CA SER A 199 12.35 13.39 2.75
C SER A 199 11.56 12.11 2.96
C SER A 199 11.54 12.13 2.94
N LEU A 200 10.33 12.27 3.49
CA LEU A 200 9.44 11.15 3.64
C LEU A 200 9.12 10.49 2.29
N PHE A 201 8.80 11.31 1.29
CA PHE A 201 8.56 10.76 -0.04
C PHE A 201 9.72 9.92 -0.56
N ASP A 202 10.92 10.45 -0.49
CA ASP A 202 12.17 9.73 -0.91
C ASP A 202 12.30 8.42 -0.18
N VAL A 203 12.00 8.39 1.13
CA VAL A 203 12.15 7.14 1.86
C VAL A 203 11.09 6.13 1.51
N ILE A 204 9.82 6.50 1.66
CA ILE A 204 8.72 5.58 1.40
C ILE A 204 8.75 4.99 0.00
N THR A 205 9.02 5.82 -0.97
CA THR A 205 9.06 5.33 -2.37
C THR A 205 10.19 4.38 -2.67
N GLY A 206 11.25 4.46 -1.86
CA GLY A 206 12.36 3.51 -1.92
C GLY A 206 12.23 2.36 -0.94
N ALA A 207 11.13 2.27 -0.20
CA ALA A 207 10.99 1.27 0.85
C ALA A 207 9.70 0.47 0.73
N THR A 208 9.39 -0.30 1.78
CA THR A 208 8.31 -1.29 1.74
C THR A 208 6.91 -0.63 1.65
N GLY A 209 6.81 0.63 2.07
CA GLY A 209 5.58 1.35 2.09
C GLY A 209 5.11 1.92 0.73
N ASN A 210 5.97 1.83 -0.26
CA ASN A 210 5.65 2.45 -1.55
C ASN A 210 4.35 1.91 -2.18
N CYS A 211 3.60 2.80 -2.81
CA CYS A 211 2.37 2.42 -3.50
C CYS A 211 1.96 3.62 -4.29
N TRP A 212 1.06 3.36 -5.24
CA TRP A 212 0.56 4.41 -6.17
C TRP A 212 0.05 5.65 -5.44
N ALA A 213 -0.60 5.42 -4.33
CA ALA A 213 -1.13 6.51 -3.48
C ALA A 213 -0.10 7.55 -3.08
N VAL A 214 1.18 7.13 -3.01
CA VAL A 214 2.23 8.08 -2.79
C VAL A 214 2.98 8.37 -4.08
N HIS A 215 3.41 7.36 -4.83
CA HIS A 215 4.35 7.63 -5.95
C HIS A 215 3.70 8.43 -7.07
N THR A 216 2.40 8.29 -7.18
CA THR A 216 1.62 9.03 -8.19
C THR A 216 0.60 9.97 -7.61
N ASN A 217 -0.07 9.61 -6.50
CA ASN A 217 -1.10 10.45 -5.97
C ASN A 217 -0.70 11.26 -4.74
N CYS A 218 0.61 11.42 -4.52
CA CYS A 218 1.19 12.10 -3.32
C CYS A 218 0.26 13.24 -2.82
N PRO A 219 -0.25 13.15 -1.58
CA PRO A 219 -1.28 14.11 -1.15
C PRO A 219 -0.78 15.45 -0.61
N VAL A 220 0.53 15.62 -0.65
CA VAL A 220 1.18 16.92 -0.35
C VAL A 220 1.79 17.48 -1.62
N PRO A 221 1.73 18.81 -1.82
CA PRO A 221 2.28 19.44 -3.00
C PRO A 221 3.83 19.36 -3.04
N GLY A 222 4.38 19.18 -4.22
CA GLY A 222 5.87 19.26 -4.43
C GLY A 222 6.49 17.95 -4.92
N PRO A 223 6.38 16.87 -4.13
CA PRO A 223 7.19 15.71 -4.56
C PRO A 223 6.75 15.07 -5.87
N VAL A 224 5.46 15.19 -6.23
CA VAL A 224 4.99 14.66 -7.51
C VAL A 224 4.19 15.81 -8.17
N PRO A 225 4.87 16.62 -9.00
CA PRO A 225 4.18 17.83 -9.54
C PRO A 225 2.81 17.63 -10.18
N THR A 226 2.55 16.50 -10.82
CA THR A 226 1.25 16.23 -11.43
C THR A 226 0.17 15.74 -10.44
N SER A 227 0.50 15.49 -9.18
CA SER A 227 -0.53 14.89 -8.28
C SER A 227 -1.62 15.93 -7.96
N PRO A 228 -2.84 15.47 -7.69
CA PRO A 228 -3.95 16.43 -7.39
C PRO A 228 -3.68 17.49 -6.33
N ALA A 229 -2.87 17.14 -5.34
CA ALA A 229 -2.47 18.11 -4.28
C ALA A 229 -1.85 19.43 -4.81
N ASN A 230 -1.26 19.40 -6.00
CA ASN A 230 -0.63 20.58 -6.64
C ASN A 230 -1.64 21.36 -7.53
N ASN A 231 -2.84 20.87 -7.64
CA ASN A 231 -3.86 21.43 -8.50
C ASN A 231 -5.22 21.55 -7.77
N ASP A 232 -5.21 22.04 -6.53
CA ASP A 232 -6.39 22.18 -5.72
C ASP A 232 -7.26 20.91 -5.59
N PHE A 233 -6.62 19.76 -5.62
CA PHE A 233 -7.28 18.45 -5.46
C PHE A 233 -8.37 18.22 -6.50
N LYS A 234 -8.14 18.73 -7.70
CA LYS A 234 -9.00 18.43 -8.82
C LYS A 234 -8.83 16.95 -9.14
N PRO A 235 -9.96 16.23 -9.28
CA PRO A 235 -9.84 14.82 -9.73
C PRO A 235 -9.25 14.70 -11.14
N GLY A 236 -8.49 13.65 -11.49
CA GLY A 236 -8.13 12.52 -10.65
C GLY A 236 -9.26 11.56 -10.41
N PHE A 237 -9.39 11.07 -9.19
CA PHE A 237 -10.37 10.08 -8.86
C PHE A 237 -11.15 10.68 -7.71
N SER A 238 -12.40 11.09 -7.96
CA SER A 238 -13.16 11.80 -6.96
C SER A 238 -13.48 11.03 -5.70
N THR A 239 -13.61 11.77 -4.59
CA THR A 239 -14.13 11.22 -3.37
C THR A 239 -15.53 10.63 -3.56
N ALA A 240 -16.35 11.27 -4.37
CA ALA A 240 -17.69 10.74 -4.65
C ALA A 240 -17.63 9.28 -5.20
N LEU A 241 -16.74 9.08 -6.18
CA LEU A 241 -16.58 7.77 -6.85
C LEU A 241 -15.93 6.77 -5.93
N MET A 242 -15.00 7.23 -5.11
CA MET A 242 -14.32 6.33 -4.20
C MET A 242 -15.30 5.86 -3.15
N ASN A 243 -16.11 6.81 -2.68
CA ASN A 243 -17.16 6.52 -1.70
C ASN A 243 -18.15 5.48 -2.29
N LYS A 244 -18.48 5.64 -3.55
CA LYS A 244 -19.35 4.68 -4.22
C LYS A 244 -18.75 3.25 -4.19
N ASP A 245 -17.48 3.11 -4.57
CA ASP A 245 -16.82 1.83 -4.57
C ASP A 245 -16.74 1.27 -3.19
N LEU A 246 -16.47 2.11 -2.20
CA LEU A 246 -16.40 1.56 -0.84
C LEU A 246 -17.76 1.09 -0.34
N GLY A 247 -18.83 1.80 -0.73
CA GLY A 247 -20.19 1.33 -0.38
C GLY A 247 -20.41 -0.11 -0.94
N LEU A 248 -19.92 -0.36 -2.17
CA LEU A 248 -20.03 -1.71 -2.75
C LEU A 248 -19.12 -2.73 -2.04
N ALA A 249 -17.96 -2.27 -1.57
CA ALA A 249 -17.15 -3.12 -0.75
C ALA A 249 -17.87 -3.47 0.54
N MET A 250 -18.50 -2.49 1.18
CA MET A 250 -19.24 -2.77 2.43
C MET A 250 -20.44 -3.72 2.22
N ASP A 251 -21.09 -3.60 1.06
CA ASP A 251 -22.11 -4.59 0.67
C ASP A 251 -21.53 -5.99 0.54
N ALA A 252 -20.38 -6.13 -0.08
CA ALA A 252 -19.79 -7.39 -0.26
C ALA A 252 -19.38 -7.99 1.13
N VAL A 253 -18.88 -7.11 2.00
CA VAL A 253 -18.43 -7.53 3.35
C VAL A 253 -19.69 -8.03 4.13
N ALA A 254 -20.78 -7.27 4.08
CA ALA A 254 -22.03 -7.69 4.72
C ALA A 254 -22.61 -8.96 4.09
N ALA A 255 -22.59 -9.09 2.77
CA ALA A 255 -23.17 -10.27 2.14
C ALA A 255 -22.37 -11.55 2.54
N THR A 256 -21.08 -11.42 2.75
CA THR A 256 -20.23 -12.61 3.00
C THR A 256 -19.94 -12.89 4.48
N GLY A 257 -20.22 -11.94 5.33
CA GLY A 257 -19.82 -11.99 6.72
C GLY A 257 -18.34 -11.79 6.93
N ALA A 258 -17.69 -11.07 6.02
CA ALA A 258 -16.19 -10.98 6.03
C ALA A 258 -15.80 -10.05 7.17
N THR A 259 -14.57 -10.18 7.64
CA THR A 259 -14.02 -9.30 8.65
C THR A 259 -13.08 -8.39 7.93
N ALA A 260 -13.41 -7.12 7.79
CA ALA A 260 -12.55 -6.17 7.10
C ALA A 260 -12.43 -4.85 7.92
N PRO A 261 -11.65 -4.88 9.00
CA PRO A 261 -11.69 -3.75 9.92
C PRO A 261 -11.12 -2.49 9.33
N LEU A 262 -10.02 -2.55 8.58
CA LEU A 262 -9.47 -1.33 8.04
C LEU A 262 -10.23 -0.81 6.78
N GLY A 263 -10.61 -1.72 5.89
CA GLY A 263 -11.47 -1.31 4.79
C GLY A 263 -12.79 -0.69 5.24
N SER A 264 -13.41 -1.25 6.27
CA SER A 264 -14.64 -0.67 6.82
C SER A 264 -14.40 0.67 7.47
N HIS A 265 -13.24 0.85 8.09
CA HIS A 265 -12.89 2.12 8.71
C HIS A 265 -12.67 3.19 7.65
N ALA A 266 -12.00 2.76 6.57
CA ALA A 266 -11.75 3.61 5.44
C ALA A 266 -13.07 4.05 4.81
N ALA A 267 -13.97 3.08 4.70
CA ALA A 267 -15.28 3.37 4.21
C ALA A 267 -15.99 4.41 5.05
N ASP A 268 -15.98 4.28 6.37
N ASP A 268 -15.98 4.26 6.38
CA ASP A 268 -16.57 5.33 7.24
CA ASP A 268 -16.55 5.30 7.28
C ASP A 268 -15.93 6.67 6.99
C ASP A 268 -15.93 6.65 6.98
N ILE A 269 -14.59 6.70 6.87
CA ILE A 269 -13.88 7.95 6.68
C ILE A 269 -14.31 8.64 5.39
N TYR A 270 -14.32 7.87 4.32
CA TYR A 270 -14.69 8.47 3.00
C TYR A 270 -16.18 8.88 2.92
N ALA A 271 -17.06 8.17 3.58
CA ALA A 271 -18.49 8.47 3.58
C ALA A 271 -18.71 9.85 4.18
N LYS A 272 -18.07 10.05 5.31
CA LYS A 272 -18.09 11.30 6.01
C LYS A 272 -17.42 12.38 5.17
N PHE A 273 -16.25 12.13 4.62
CA PHE A 273 -15.61 13.11 3.82
C PHE A 273 -16.43 13.49 2.55
N ALA A 274 -17.14 12.51 1.95
CA ALA A 274 -17.97 12.78 0.78
C ALA A 274 -19.16 13.73 1.08
N ALA A 275 -19.62 13.83 2.34
CA ALA A 275 -20.69 14.81 2.74
C ALA A 275 -20.23 16.21 2.54
N ASP A 276 -18.90 16.44 2.60
CA ASP A 276 -18.33 17.78 2.41
C ASP A 276 -17.57 18.05 1.13
N HIS A 277 -16.82 17.03 0.67
CA HIS A 277 -15.85 17.27 -0.41
C HIS A 277 -15.90 16.18 -1.53
N ALA A 278 -17.14 15.85 -1.90
CA ALA A 278 -17.35 14.80 -2.88
C ALA A 278 -16.62 15.09 -4.21
N ASP A 279 -16.41 16.36 -4.51
CA ASP A 279 -15.86 16.80 -5.78
C ASP A 279 -14.36 16.90 -5.85
N LEU A 280 -13.70 16.64 -4.72
CA LEU A 280 -12.27 16.68 -4.66
C LEU A 280 -11.69 15.30 -4.82
N ASP A 281 -10.51 15.24 -5.32
CA ASP A 281 -9.81 13.98 -5.46
C ASP A 281 -9.79 13.32 -4.08
N PHE A 282 -9.89 12.00 -4.06
CA PHE A 282 -9.86 11.26 -2.79
C PHE A 282 -8.60 11.38 -1.93
N SER A 283 -7.50 11.83 -2.53
CA SER A 283 -6.27 12.11 -1.78
C SER A 283 -6.47 13.28 -0.83
N ALA A 284 -7.52 14.08 -1.08
CA ALA A 284 -7.77 15.25 -0.23
C ALA A 284 -8.19 14.86 1.20
N VAL A 285 -8.44 13.60 1.43
CA VAL A 285 -8.66 13.07 2.78
C VAL A 285 -7.60 13.47 3.81
N ILE A 286 -6.42 13.83 3.35
CA ILE A 286 -5.33 14.26 4.22
C ILE A 286 -5.81 15.44 5.06
N HIS A 287 -6.75 16.23 4.53
CA HIS A 287 -7.25 17.42 5.27
C HIS A 287 -8.47 17.19 6.10
N THR A 288 -8.90 15.95 6.27
CA THR A 288 -10.09 15.68 7.07
C THR A 288 -9.80 14.78 8.28
N LEU A 289 -8.53 14.56 8.55
CA LEU A 289 -8.14 13.67 9.61
C LEU A 289 -8.39 14.25 10.99
N ARG A 290 -8.45 15.56 11.11
CA ARG A 290 -8.72 16.21 12.40
C ARG A 290 -10.22 16.21 12.77
N ALA A 291 -11.01 15.81 11.80
CA ALA A 291 -12.42 15.59 12.05
C ALA A 291 -12.63 14.23 12.76
N ARG A 292 -11.63 13.34 12.59
CA ARG A 292 -11.43 11.94 13.05
C ARG A 292 -11.97 10.77 12.17
N MET B 1 38.02 5.09 5.07
CA MET B 1 39.33 4.59 5.67
C MET B 1 39.13 3.63 6.86
N MET B 2 40.15 2.81 7.13
CA MET B 2 40.18 1.91 8.27
C MET B 2 40.14 2.71 9.57
N THR B 3 39.28 2.30 10.47
CA THR B 3 38.90 3.10 11.62
C THR B 3 38.75 2.08 12.74
N THR B 4 38.87 2.53 13.97
CA THR B 4 38.54 1.75 15.15
C THR B 4 37.09 2.05 15.54
N ILE B 5 36.29 1.01 15.63
CA ILE B 5 34.85 1.12 15.88
C ILE B 5 34.51 0.34 17.13
N ALA B 6 33.86 0.94 18.08
CA ALA B 6 33.27 0.19 19.20
C ALA B 6 31.85 -0.20 18.84
N PHE B 7 31.46 -1.42 19.10
CA PHE B 7 30.16 -1.91 18.68
C PHE B 7 29.47 -2.44 19.94
N LEU B 8 28.46 -1.72 20.40
CA LEU B 8 27.76 -2.00 21.63
C LEU B 8 26.39 -2.54 21.32
N GLY B 9 26.19 -3.82 21.61
CA GLY B 9 25.03 -4.55 21.12
C GLY B 9 25.40 -5.51 19.97
N LEU B 10 25.64 -6.76 20.30
CA LEU B 10 26.12 -7.77 19.38
C LEU B 10 25.12 -8.92 19.18
N GLY B 11 23.86 -8.56 19.19
CA GLY B 11 22.78 -9.50 19.04
C GLY B 11 22.53 -9.89 17.61
N ASN B 12 21.28 -10.23 17.30
CA ASN B 12 20.92 -10.78 15.94
C ASN B 12 21.27 -9.84 14.81
N MET B 13 21.22 -8.57 15.07
CA MET B 13 21.60 -7.60 14.06
C MET B 13 23.06 -7.17 14.26
N GLY B 14 23.44 -6.80 15.48
CA GLY B 14 24.80 -6.29 15.74
C GLY B 14 25.90 -7.26 15.38
N ALA B 15 25.70 -8.58 15.60
CA ALA B 15 26.72 -9.54 15.30
C ALA B 15 27.03 -9.58 13.81
N PRO B 16 26.04 -9.80 12.94
CA PRO B 16 26.44 -9.81 11.50
C PRO B 16 26.91 -8.41 10.99
N MET B 17 26.34 -7.33 11.54
CA MET B 17 26.84 -5.97 11.25
C MET B 17 28.36 -5.80 11.55
N SER B 18 28.72 -6.18 12.76
CA SER B 18 30.12 -6.10 13.19
C SER B 18 31.01 -7.02 12.36
N ALA B 19 30.54 -8.20 12.02
CA ALA B 19 31.30 -9.09 11.12
C ALA B 19 31.68 -8.45 9.78
N ASN B 20 30.77 -7.70 9.20
CA ASN B 20 31.03 -7.02 7.96
C ASN B 20 32.03 -5.88 8.11
N LEU B 21 32.01 -5.19 9.25
CA LEU B 21 32.99 -4.17 9.54
C LEU B 21 34.39 -4.84 9.70
N VAL B 22 34.45 -5.99 10.39
CA VAL B 22 35.74 -6.73 10.47
C VAL B 22 36.25 -7.09 9.07
N GLY B 23 35.34 -7.61 8.24
CA GLY B 23 35.69 -7.98 6.85
C GLY B 23 36.22 -6.79 6.05
N ALA B 24 35.75 -5.59 6.33
CA ALA B 24 36.15 -4.45 5.55
C ALA B 24 37.48 -3.89 6.03
N GLY B 25 38.07 -4.49 7.06
CA GLY B 25 39.40 -4.10 7.57
C GLY B 25 39.39 -3.24 8.78
N HIS B 26 38.22 -2.89 9.34
CA HIS B 26 38.14 -2.09 10.61
C HIS B 26 38.52 -2.90 11.79
N VAL B 27 39.03 -2.22 12.81
CA VAL B 27 39.29 -2.82 14.07
C VAL B 27 37.99 -2.64 14.85
N VAL B 28 37.36 -3.74 15.26
CA VAL B 28 36.07 -3.65 15.97
C VAL B 28 36.15 -4.08 17.40
N ARG B 29 35.85 -3.19 18.30
CA ARG B 29 35.90 -3.42 19.77
C ARG B 29 34.46 -3.59 20.26
N GLY B 30 34.06 -4.75 20.69
CA GLY B 30 32.67 -4.93 21.02
C GLY B 30 32.30 -5.15 22.48
N PHE B 31 31.06 -4.90 22.81
CA PHE B 31 30.57 -5.26 24.12
C PHE B 31 29.10 -5.65 23.95
N ASP B 32 28.69 -6.67 24.70
CA ASP B 32 27.29 -6.94 24.86
C ASP B 32 27.17 -7.59 26.25
N PRO B 33 26.14 -7.23 27.02
CA PRO B 33 25.94 -7.86 28.39
C PRO B 33 25.57 -9.30 28.36
N ALA B 34 25.16 -9.83 27.21
CA ALA B 34 24.95 -11.28 27.08
C ALA B 34 26.23 -11.88 26.53
N PRO B 35 26.95 -12.64 27.37
CA PRO B 35 28.20 -13.27 26.88
C PRO B 35 28.03 -14.18 25.70
N THR B 36 26.85 -14.80 25.50
CA THR B 36 26.67 -15.65 24.31
C THR B 36 26.77 -14.85 23.02
N ALA B 37 26.18 -13.67 23.04
CA ALA B 37 26.22 -12.75 21.91
C ALA B 37 27.67 -12.33 21.67
N ALA B 38 28.35 -11.92 22.72
CA ALA B 38 29.72 -11.42 22.61
C ALA B 38 30.65 -12.54 22.07
N SER B 39 30.41 -13.77 22.52
CA SER B 39 31.20 -14.94 22.00
C SER B 39 31.12 -15.16 20.51
N GLY B 40 29.89 -15.11 19.98
CA GLY B 40 29.67 -15.29 18.56
C GLY B 40 30.32 -14.17 17.74
N ALA B 41 30.26 -12.95 18.28
CA ALA B 41 30.94 -11.82 17.65
C ALA B 41 32.46 -11.96 17.66
N ALA B 42 33.04 -12.34 18.80
CA ALA B 42 34.44 -12.66 18.85
C ALA B 42 34.91 -13.69 17.82
N ALA B 43 34.10 -14.68 17.58
CA ALA B 43 34.47 -15.77 16.65
C ALA B 43 34.67 -15.22 15.24
N HIS B 44 34.01 -14.12 14.92
N HIS B 44 33.92 -14.15 14.90
CA HIS B 44 34.15 -13.46 13.61
CA HIS B 44 34.10 -13.43 13.60
C HIS B 44 35.13 -12.28 13.58
C HIS B 44 35.09 -12.24 13.59
N GLY B 45 35.87 -12.11 14.65
CA GLY B 45 36.98 -11.15 14.69
C GLY B 45 36.79 -9.90 15.51
N VAL B 46 35.66 -9.73 16.21
CA VAL B 46 35.46 -8.61 17.11
C VAL B 46 36.33 -8.84 18.37
N ALA B 47 37.02 -7.82 18.82
CA ALA B 47 37.74 -7.89 20.07
C ALA B 47 36.72 -7.53 21.10
N VAL B 48 36.41 -8.46 22.01
CA VAL B 48 35.34 -8.19 22.98
C VAL B 48 35.92 -7.71 24.29
N PHE B 49 35.22 -6.79 24.92
CA PHE B 49 35.65 -6.22 26.20
C PHE B 49 34.69 -6.57 27.32
N ARG B 50 35.22 -6.49 28.54
CA ARG B 50 34.56 -6.72 29.82
C ARG B 50 33.48 -5.65 30.13
N SER B 51 33.59 -4.47 29.54
CA SER B 51 32.60 -3.42 29.81
C SER B 51 32.46 -2.50 28.64
N ALA B 52 31.31 -1.84 28.57
CA ALA B 52 31.05 -0.87 27.47
C ALA B 52 32.04 0.29 27.52
N PRO B 53 32.33 0.83 28.69
CA PRO B 53 33.33 1.92 28.76
C PRO B 53 34.69 1.58 28.31
N GLU B 54 35.12 0.37 28.61
CA GLU B 54 36.41 -0.08 28.06
C GLU B 54 36.41 -0.19 26.54
N ALA B 55 35.33 -0.73 25.99
CA ALA B 55 35.24 -0.86 24.50
C ALA B 55 35.33 0.49 23.86
N VAL B 56 34.70 1.52 24.43
CA VAL B 56 34.65 2.83 23.73
C VAL B 56 35.95 3.67 23.88
N ALA B 57 36.80 3.26 24.81
CA ALA B 57 37.88 4.13 25.30
C ALA B 57 38.84 4.46 24.20
N GLU B 58 39.07 3.55 23.29
CA GLU B 58 39.98 3.79 22.17
C GLU B 58 39.28 3.73 20.83
N ALA B 59 38.10 4.29 20.67
CA ALA B 59 37.35 4.13 19.43
C ALA B 59 37.17 5.48 18.77
N ASP B 60 37.26 5.53 17.45
CA ASP B 60 36.97 6.71 16.67
C ASP B 60 35.43 6.84 16.45
N VAL B 61 34.76 5.70 16.44
CA VAL B 61 33.33 5.62 16.15
C VAL B 61 32.73 4.61 17.15
N VAL B 62 31.52 4.88 17.60
CA VAL B 62 30.78 4.05 18.53
C VAL B 62 29.45 3.76 17.92
N ILE B 63 29.14 2.50 17.64
CA ILE B 63 27.88 2.14 17.12
C ILE B 63 27.09 1.43 18.24
N THR B 64 25.82 1.81 18.41
CA THR B 64 24.92 1.11 19.29
C THR B 64 23.84 0.40 18.47
N MET B 65 23.57 -0.84 18.86
CA MET B 65 22.43 -1.64 18.26
C MET B 65 21.71 -2.29 19.48
N LEU B 66 20.78 -1.56 20.09
CA LEU B 66 20.20 -1.91 21.35
C LEU B 66 18.67 -1.94 21.27
N PRO B 67 18.04 -2.62 22.24
CA PRO B 67 16.61 -2.94 22.06
C PRO B 67 15.60 -1.88 22.29
N THR B 68 15.89 -0.90 23.16
CA THR B 68 15.00 0.14 23.50
C THR B 68 15.67 1.45 23.72
N GLY B 69 14.86 2.50 23.70
CA GLY B 69 15.32 3.84 24.07
C GLY B 69 15.94 3.94 25.45
N GLU B 70 15.27 3.28 26.39
CA GLU B 70 15.81 3.25 27.77
C GLU B 70 17.29 2.66 27.81
N VAL B 71 17.49 1.58 27.08
CA VAL B 71 18.81 0.87 27.09
C VAL B 71 19.83 1.73 26.39
N VAL B 72 19.42 2.42 25.34
CA VAL B 72 20.31 3.33 24.64
C VAL B 72 20.68 4.49 25.58
N ARG B 73 19.70 5.06 26.24
CA ARG B 73 19.94 6.15 27.17
C ARG B 73 20.87 5.71 28.30
N ARG B 74 20.62 4.54 28.85
CA ARG B 74 21.47 4.05 29.95
C ARG B 74 22.92 3.80 29.47
N CYS B 75 23.08 3.22 28.28
CA CYS B 75 24.37 2.97 27.67
C CYS B 75 25.15 4.28 27.42
N TYR B 76 24.49 5.27 26.83
CA TYR B 76 25.11 6.62 26.67
C TYR B 76 25.54 7.19 28.01
N THR B 77 24.67 7.16 29.00
CA THR B 77 25.10 7.66 30.32
C THR B 77 26.34 6.95 30.86
N ASP B 78 26.42 5.64 30.65
N ASP B 78 26.40 5.64 30.63
CA ASP B 78 27.54 4.86 31.12
CA ASP B 78 27.48 4.80 31.09
C ASP B 78 28.81 5.17 30.34
C ASP B 78 28.79 5.05 30.32
N VAL B 79 28.72 5.41 29.03
CA VAL B 79 29.93 5.44 28.20
C VAL B 79 30.44 6.77 27.68
N LEU B 80 29.60 7.79 27.64
CA LEU B 80 29.98 9.02 26.96
C LEU B 80 31.21 9.67 27.55
N ALA B 81 31.31 9.70 28.88
CA ALA B 81 32.48 10.29 29.58
C ALA B 81 33.74 9.45 29.36
N ALA B 82 33.57 8.19 29.00
CA ALA B 82 34.70 7.28 28.69
C ALA B 82 35.29 7.49 27.31
N ALA B 83 34.54 8.10 26.37
CA ALA B 83 34.95 8.12 25.01
C ALA B 83 35.88 9.33 24.87
N ARG B 84 36.65 9.34 23.80
CA ARG B 84 37.51 10.46 23.50
C ARG B 84 36.67 11.64 22.94
N PRO B 85 37.05 12.87 23.24
CA PRO B 85 36.30 13.96 22.70
C PRO B 85 36.16 13.95 21.22
N ALA B 86 34.99 14.34 20.75
CA ALA B 86 34.68 14.34 19.33
C ALA B 86 34.69 12.96 18.62
N THR B 87 34.43 11.92 19.43
CA THR B 87 34.09 10.61 18.89
C THR B 87 32.68 10.67 18.22
N LEU B 88 32.54 9.91 17.14
CA LEU B 88 31.29 9.81 16.41
C LEU B 88 30.42 8.65 16.90
N PHE B 89 29.28 8.98 17.48
CA PHE B 89 28.34 7.94 17.96
C PHE B 89 27.28 7.77 16.89
N ILE B 90 27.00 6.51 16.53
CA ILE B 90 25.90 6.24 15.60
C ILE B 90 24.96 5.27 16.30
N ASP B 91 23.71 5.68 16.49
CA ASP B 91 22.76 4.76 17.07
C ASP B 91 21.90 4.18 15.98
N SER B 92 22.09 2.89 15.69
CA SER B 92 21.33 2.15 14.66
C SER B 92 20.22 1.31 15.31
N SER B 93 20.02 1.42 16.64
CA SER B 93 18.76 0.97 17.28
C SER B 93 17.48 1.66 16.66
N THR B 94 16.34 0.98 16.78
CA THR B 94 15.05 1.57 16.51
C THR B 94 14.38 1.96 17.79
N ILE B 95 14.19 3.27 17.97
CA ILE B 95 13.74 3.82 19.22
C ILE B 95 12.85 5.03 18.89
N SER B 96 12.17 5.53 19.91
CA SER B 96 11.24 6.65 19.66
C SER B 96 11.97 7.90 19.15
N VAL B 97 11.25 8.70 18.38
CA VAL B 97 11.80 9.94 17.96
C VAL B 97 12.20 10.79 19.15
N THR B 98 11.35 10.80 20.18
CA THR B 98 11.62 11.61 21.37
C THR B 98 12.95 11.13 22.03
N ASP B 99 13.05 9.82 22.20
CA ASP B 99 14.25 9.25 22.81
C ASP B 99 15.49 9.53 21.95
N ALA B 100 15.35 9.42 20.63
CA ALA B 100 16.47 9.71 19.76
C ALA B 100 17.00 11.12 19.92
N ARG B 101 16.09 12.06 19.97
CA ARG B 101 16.47 13.43 20.13
C ARG B 101 17.09 13.68 21.52
N GLU B 102 16.62 12.98 22.53
CA GLU B 102 17.15 13.16 23.92
C GLU B 102 18.60 12.59 23.92
N VAL B 103 18.81 11.41 23.33
CA VAL B 103 20.17 10.86 23.43
C VAL B 103 21.18 11.55 22.50
N HIS B 104 20.68 12.08 21.39
CA HIS B 104 21.46 12.95 20.54
C HIS B 104 21.97 14.18 21.32
N ALA B 105 21.08 14.87 22.01
CA ALA B 105 21.46 16.04 22.81
C ALA B 105 22.45 15.67 23.91
N LEU B 106 22.26 14.50 24.47
CA LEU B 106 23.14 14.02 25.53
C LEU B 106 24.52 13.80 25.00
N ALA B 107 24.62 13.15 23.86
CA ALA B 107 25.90 12.94 23.23
C ALA B 107 26.61 14.23 22.90
N GLU B 108 25.90 15.17 22.28
CA GLU B 108 26.51 16.43 21.96
C GLU B 108 26.91 17.24 23.19
N SER B 109 26.17 17.13 24.29
CA SER B 109 26.52 17.86 25.51
C SER B 109 27.80 17.27 26.09
N HIS B 110 28.14 16.02 25.73
CA HIS B 110 29.42 15.41 26.18
C HIS B 110 30.52 15.61 25.18
N GLY B 111 30.33 16.43 24.18
CA GLY B 111 31.40 16.64 23.19
C GLY B 111 31.48 15.64 22.04
N MET B 112 30.42 14.84 21.80
CA MET B 112 30.44 13.78 20.79
C MET B 112 29.50 14.12 19.63
N LEU B 113 29.90 13.72 18.44
CA LEU B 113 29.06 13.85 17.27
C LEU B 113 28.04 12.73 17.36
N GLN B 114 26.83 12.89 16.84
CA GLN B 114 25.91 11.79 16.96
C GLN B 114 24.89 11.74 15.84
N LEU B 115 24.65 10.56 15.32
CA LEU B 115 23.60 10.31 14.31
C LEU B 115 22.59 9.28 14.79
N ASP B 116 21.31 9.43 14.41
CA ASP B 116 20.39 8.30 14.43
C ASP B 116 20.43 7.66 13.08
N ALA B 117 20.62 6.37 13.06
CA ALA B 117 20.70 5.62 11.78
C ALA B 117 20.06 4.25 11.90
N PRO B 118 18.77 4.19 12.21
CA PRO B 118 18.09 2.90 12.21
C PRO B 118 18.05 2.24 10.87
N VAL B 119 17.81 0.91 10.90
CA VAL B 119 17.97 0.13 9.67
C VAL B 119 16.75 -0.68 9.37
N SER B 120 16.51 -0.88 8.09
CA SER B 120 15.63 -1.89 7.66
C SER B 120 16.37 -2.98 6.84
N GLY B 121 15.83 -4.19 6.87
CA GLY B 121 16.31 -5.37 6.14
C GLY B 121 16.50 -6.60 6.99
N GLY B 122 16.41 -6.46 8.32
CA GLY B 122 16.46 -7.57 9.22
C GLY B 122 17.81 -8.28 9.24
N VAL B 123 17.80 -9.45 9.85
CA VAL B 123 19.01 -10.23 9.99
C VAL B 123 19.61 -10.66 8.66
N LYS B 124 18.76 -10.93 7.67
CA LYS B 124 19.31 -11.30 6.34
C LYS B 124 19.96 -10.15 5.67
N GLY B 125 19.35 -8.98 5.75
CA GLY B 125 19.99 -7.79 5.23
C GLY B 125 21.30 -7.51 5.95
N ALA B 126 21.31 -7.76 7.26
CA ALA B 126 22.44 -7.46 8.07
C ALA B 126 23.63 -8.36 7.63
N ALA B 127 23.37 -9.62 7.50
CA ALA B 127 24.42 -10.54 7.07
C ALA B 127 24.94 -10.24 5.68
N ALA B 128 24.04 -9.89 4.75
CA ALA B 128 24.44 -9.62 3.37
C ALA B 128 24.94 -8.24 3.15
N ALA B 129 24.94 -7.39 4.18
CA ALA B 129 25.35 -5.99 3.99
C ALA B 129 24.47 -5.25 2.93
N THR B 130 23.16 -5.47 3.02
CA THR B 130 22.17 -4.77 2.21
C THR B 130 21.12 -4.00 3.00
N LEU B 131 21.43 -3.67 4.26
CA LEU B 131 20.56 -2.87 5.10
C LEU B 131 20.37 -1.50 4.49
N ALA B 132 19.20 -0.94 4.68
CA ALA B 132 19.01 0.47 4.43
C ALA B 132 19.16 1.25 5.72
N PHE B 133 20.06 2.19 5.73
CA PHE B 133 20.27 3.14 6.87
C PHE B 133 19.50 4.42 6.58
N MET B 134 18.59 4.76 7.51
CA MET B 134 17.86 6.01 7.45
C MET B 134 18.41 6.92 8.50
N VAL B 135 19.09 7.97 8.09
CA VAL B 135 19.95 8.78 8.97
C VAL B 135 19.37 10.15 9.30
N GLY B 136 19.45 10.51 10.56
CA GLY B 136 19.16 11.85 11.05
C GLY B 136 20.40 12.45 11.64
N GLY B 137 20.60 13.74 11.39
CA GLY B 137 21.80 14.41 11.95
C GLY B 137 22.37 15.39 10.95
N ASP B 138 23.54 15.87 11.22
CA ASP B 138 24.19 16.87 10.32
C ASP B 138 24.78 16.24 9.11
N GLU B 139 24.75 16.97 8.00
CA GLU B 139 25.32 16.44 6.78
C GLU B 139 26.80 16.15 6.86
N SER B 140 27.56 17.00 7.54
CA SER B 140 28.97 16.74 7.64
C SER B 140 29.28 15.53 8.55
N THR B 141 28.53 15.33 9.61
CA THR B 141 28.67 14.12 10.41
C THR B 141 28.43 12.83 9.53
N LEU B 142 27.39 12.83 8.66
CA LEU B 142 27.11 11.69 7.81
C LEU B 142 28.27 11.42 6.83
N ARG B 143 28.80 12.51 6.28
CA ARG B 143 30.05 12.48 5.45
C ARG B 143 31.17 11.76 6.20
N ARG B 144 31.40 12.13 7.45
CA ARG B 144 32.39 11.46 8.27
C ARG B 144 32.03 9.96 8.44
N ALA B 145 30.77 9.66 8.64
CA ALA B 145 30.33 8.30 8.88
C ALA B 145 30.21 7.36 7.68
N ARG B 146 30.05 7.90 6.49
CA ARG B 146 29.81 7.05 5.30
C ARG B 146 30.72 5.86 5.12
N PRO B 147 32.03 6.08 5.24
CA PRO B 147 32.90 4.91 5.03
C PRO B 147 32.72 3.75 6.04
N VAL B 148 32.25 4.05 7.25
CA VAL B 148 31.87 3.04 8.25
C VAL B 148 30.51 2.37 7.95
N LEU B 149 29.55 3.14 7.44
CA LEU B 149 28.24 2.59 7.09
C LEU B 149 28.27 1.75 5.83
N GLU B 150 29.07 2.15 4.83
CA GLU B 150 29.07 1.45 3.53
C GLU B 150 29.27 -0.02 3.60
N PRO B 151 30.23 -0.55 4.39
CA PRO B 151 30.32 -2.02 4.38
C PRO B 151 29.21 -2.79 5.01
N MET B 152 28.27 -2.10 5.66
CA MET B 152 27.07 -2.71 6.20
C MET B 152 25.77 -2.54 5.35
N ALA B 153 25.83 -1.72 4.30
CA ALA B 153 24.67 -1.06 3.75
C ALA B 153 24.43 -1.35 2.29
N GLY B 154 23.17 -1.52 1.91
CA GLY B 154 22.78 -1.44 0.47
C GLY B 154 22.32 -0.03 0.15
N LYS B 155 21.81 0.73 1.13
CA LYS B 155 21.35 2.11 0.90
C LYS B 155 21.58 2.96 2.17
N ILE B 156 22.08 4.19 1.97
CA ILE B 156 22.21 5.21 3.03
C ILE B 156 21.37 6.40 2.58
N ILE B 157 20.37 6.79 3.38
CA ILE B 157 19.57 7.93 3.03
C ILE B 157 19.50 8.92 4.16
N HIS B 158 19.89 10.13 3.85
CA HIS B 158 19.84 11.22 4.80
C HIS B 158 18.45 11.80 4.91
N CYS B 159 17.83 11.72 6.07
CA CYS B 159 16.42 12.03 6.22
C CYS B 159 16.15 13.42 6.79
N GLY B 160 17.16 14.10 7.36
CA GLY B 160 16.99 15.39 7.95
C GLY B 160 17.81 15.45 9.26
N ALA B 161 17.37 16.31 10.17
CA ALA B 161 18.09 16.60 11.46
C ALA B 161 17.89 15.43 12.42
N ALA B 162 18.61 15.45 13.52
CA ALA B 162 18.52 14.41 14.52
C ALA B 162 17.08 13.99 14.78
N GLY B 163 16.86 12.69 14.81
CA GLY B 163 15.53 12.13 14.93
C GLY B 163 14.85 11.76 13.61
N ALA B 164 15.29 12.30 12.49
CA ALA B 164 14.57 12.14 11.21
C ALA B 164 14.71 10.75 10.66
N GLY B 165 15.82 10.03 10.98
CA GLY B 165 15.91 8.67 10.60
C GLY B 165 14.87 7.84 11.26
N GLN B 166 14.81 7.92 12.60
CA GLN B 166 13.77 7.21 13.33
C GLN B 166 12.39 7.60 12.79
N ALA B 167 12.18 8.88 12.57
CA ALA B 167 10.83 9.38 12.06
C ALA B 167 10.48 8.74 10.70
N ALA B 168 11.44 8.72 9.76
CA ALA B 168 11.17 8.20 8.44
C ALA B 168 10.86 6.70 8.54
N LYS B 169 11.66 5.98 9.35
CA LYS B 169 11.39 4.54 9.51
C LYS B 169 9.98 4.26 10.07
N VAL B 170 9.63 4.96 11.13
CA VAL B 170 8.43 4.68 11.88
C VAL B 170 7.22 5.04 11.03
N CYS B 171 7.34 6.09 10.22
CA CYS B 171 6.25 6.46 9.27
C CYS B 171 6.08 5.39 8.17
N ASN B 172 7.17 4.93 7.60
CA ASN B 172 7.12 3.84 6.57
C ASN B 172 6.51 2.62 7.17
N ASN B 173 6.93 2.25 8.39
CA ASN B 173 6.50 0.93 8.88
C ASN B 173 5.01 0.93 9.35
N MET B 174 4.56 2.08 9.76
CA MET B 174 3.13 2.26 10.15
C MET B 174 2.33 2.02 8.84
N VAL B 175 2.72 2.69 7.79
CA VAL B 175 2.12 2.45 6.48
C VAL B 175 2.14 0.94 6.08
N LEU B 176 3.30 0.32 6.21
CA LEU B 176 3.42 -1.11 5.97
C LEU B 176 2.47 -1.99 6.74
N ALA B 177 2.32 -1.76 8.06
CA ALA B 177 1.40 -2.47 8.86
C ALA B 177 -0.03 -2.32 8.37
N VAL B 178 -0.44 -1.12 8.08
CA VAL B 178 -1.81 -0.88 7.55
C VAL B 178 -1.99 -1.65 6.20
N GLN B 179 -0.99 -1.59 5.33
CA GLN B 179 -1.09 -2.26 4.02
C GLN B 179 -1.14 -3.74 4.20
N GLN B 180 -0.36 -4.28 5.12
CA GLN B 180 -0.35 -5.73 5.34
C GLN B 180 -1.69 -6.25 5.84
N ILE B 181 -2.33 -5.51 6.70
CA ILE B 181 -3.70 -5.89 7.14
C ILE B 181 -4.69 -5.75 5.95
N ALA B 182 -4.61 -4.63 5.25
CA ALA B 182 -5.56 -4.38 4.17
C ALA B 182 -5.48 -5.42 3.03
N ILE B 183 -4.27 -5.84 2.66
CA ILE B 183 -4.05 -6.89 1.72
C ILE B 183 -4.67 -8.18 2.26
N ALA B 184 -4.43 -8.47 3.54
CA ALA B 184 -5.01 -9.65 4.12
C ALA B 184 -6.60 -9.65 4.05
N GLU B 185 -7.19 -8.51 4.37
CA GLU B 185 -8.62 -8.34 4.25
C GLU B 185 -9.11 -8.54 2.81
N ALA B 186 -8.38 -7.98 1.82
CA ALA B 186 -8.80 -8.17 0.44
C ALA B 186 -8.75 -9.66 0.06
N PHE B 187 -7.67 -10.41 0.42
CA PHE B 187 -7.60 -11.82 0.07
C PHE B 187 -8.69 -12.67 0.72
N VAL B 188 -9.08 -12.39 1.97
CA VAL B 188 -10.09 -13.19 2.61
C VAL B 188 -11.46 -12.82 2.03
N LEU B 189 -11.68 -11.54 1.72
CA LEU B 189 -12.91 -11.12 1.04
C LEU B 189 -13.05 -11.78 -0.33
N ALA B 190 -11.93 -11.83 -1.07
CA ALA B 190 -11.91 -12.47 -2.38
C ALA B 190 -12.35 -13.89 -2.22
N GLU B 191 -11.78 -14.58 -1.26
CA GLU B 191 -12.10 -15.98 -1.00
C GLU B 191 -13.58 -16.19 -0.76
N LYS B 192 -14.16 -15.34 0.05
CA LYS B 192 -15.57 -15.47 0.36
C LYS B 192 -16.45 -15.14 -0.83
N LEU B 193 -15.99 -14.23 -1.68
CA LEU B 193 -16.67 -13.93 -2.92
C LEU B 193 -16.51 -14.94 -4.05
N GLY B 194 -15.65 -15.93 -3.87
CA GLY B 194 -15.24 -16.90 -4.91
C GLY B 194 -14.27 -16.41 -5.94
N LEU B 195 -13.55 -15.33 -5.66
CA LEU B 195 -12.48 -14.85 -6.52
C LEU B 195 -11.14 -15.59 -6.11
N SER B 196 -10.44 -16.26 -7.04
CA SER B 196 -9.20 -17.00 -6.65
C SER B 196 -8.09 -16.08 -6.14
N ALA B 197 -7.28 -16.63 -5.23
CA ALA B 197 -6.14 -15.90 -4.73
C ALA B 197 -5.25 -15.51 -5.86
N GLN B 198 -4.98 -16.44 -6.79
CA GLN B 198 -4.13 -16.05 -7.90
C GLN B 198 -4.70 -14.88 -8.70
N SER B 199 -6.01 -14.90 -8.91
CA SER B 199 -6.61 -13.85 -9.76
C SER B 199 -6.57 -12.49 -9.06
N LEU B 200 -6.87 -12.48 -7.77
CA LEU B 200 -6.79 -11.25 -7.01
C LEU B 200 -5.34 -10.75 -7.02
N PHE B 201 -4.39 -11.63 -6.81
CA PHE B 201 -2.96 -11.28 -6.86
C PHE B 201 -2.60 -10.60 -8.18
N ASP B 202 -2.99 -11.24 -9.26
CA ASP B 202 -2.71 -10.71 -10.61
C ASP B 202 -3.32 -9.33 -10.76
N VAL B 203 -4.53 -9.14 -10.25
CA VAL B 203 -5.17 -7.87 -10.41
C VAL B 203 -4.52 -6.73 -9.63
N ILE B 204 -4.38 -6.91 -8.33
CA ILE B 204 -3.91 -5.89 -7.45
C ILE B 204 -2.49 -5.55 -7.83
N THR B 205 -1.71 -6.55 -8.11
CA THR B 205 -0.28 -6.27 -8.50
C THR B 205 -0.18 -5.53 -9.80
N GLY B 206 -1.16 -5.65 -10.69
CA GLY B 206 -1.13 -4.89 -11.93
C GLY B 206 -1.87 -3.59 -11.85
N ALA B 207 -2.45 -3.30 -10.67
CA ALA B 207 -3.37 -2.13 -10.49
C ALA B 207 -2.83 -1.13 -9.44
N THR B 208 -3.69 -0.20 -9.02
CA THR B 208 -3.26 0.85 -8.09
C THR B 208 -2.98 0.36 -6.67
N GLY B 209 -3.48 -0.79 -6.31
CA GLY B 209 -3.31 -1.29 -4.98
C GLY B 209 -1.98 -2.01 -4.69
N ASN B 210 -1.13 -2.14 -5.69
CA ASN B 210 0.06 -2.92 -5.60
C ASN B 210 0.98 -2.35 -4.51
N CYS B 211 1.62 -3.27 -3.79
CA CYS B 211 2.61 -2.87 -2.73
C CYS B 211 3.31 -4.10 -2.28
N TRP B 212 4.41 -3.88 -1.56
CA TRP B 212 5.27 -4.98 -1.04
C TRP B 212 4.54 -6.04 -0.28
N ALA B 213 3.56 -5.63 0.55
CA ALA B 213 2.76 -6.55 1.35
C ALA B 213 2.01 -7.58 0.49
N VAL B 214 1.74 -7.24 -0.78
CA VAL B 214 1.26 -8.26 -1.68
C VAL B 214 2.30 -8.83 -2.61
N HIS B 215 3.06 -8.01 -3.31
CA HIS B 215 3.98 -8.52 -4.31
C HIS B 215 5.13 -9.38 -3.77
N THR B 216 5.56 -9.06 -2.55
CA THR B 216 6.64 -9.79 -1.92
C THR B 216 6.17 -10.62 -0.75
N ASN B 217 5.21 -10.09 0.02
CA ASN B 217 4.76 -10.70 1.30
C ASN B 217 3.40 -11.37 1.24
N CYS B 218 2.95 -11.68 0.00
CA CYS B 218 1.60 -12.22 -0.25
C CYS B 218 1.14 -13.15 0.89
N PRO B 219 0.10 -12.81 1.60
CA PRO B 219 -0.29 -13.62 2.79
C PRO B 219 -1.10 -14.90 2.59
N VAL B 220 -1.22 -15.31 1.32
CA VAL B 220 -1.86 -16.61 0.97
C VAL B 220 -0.80 -17.36 0.25
N PRO B 221 -0.74 -18.70 0.43
CA PRO B 221 0.28 -19.48 -0.26
C PRO B 221 -0.07 -19.60 -1.72
N GLY B 222 0.93 -19.58 -2.54
CA GLY B 222 0.81 -19.91 -3.95
C GLY B 222 1.35 -18.84 -4.85
N PRO B 223 0.75 -17.67 -4.81
CA PRO B 223 1.21 -16.72 -5.83
C PRO B 223 2.61 -16.24 -5.74
N VAL B 224 3.17 -16.19 -4.52
CA VAL B 224 4.56 -15.72 -4.36
C VAL B 224 5.25 -16.83 -3.54
N PRO B 225 5.82 -17.83 -4.21
CA PRO B 225 6.34 -19.03 -3.49
C PRO B 225 7.39 -18.71 -2.41
N THR B 226 8.04 -17.56 -2.51
CA THR B 226 9.02 -17.13 -1.53
C THR B 226 8.44 -16.37 -0.31
N SER B 227 7.13 -16.07 -0.29
CA SER B 227 6.57 -15.31 0.80
C SER B 227 6.41 -16.25 2.03
N PRO B 228 6.33 -15.67 3.24
CA PRO B 228 6.21 -16.45 4.51
C PRO B 228 5.00 -17.37 4.59
N ALA B 229 3.92 -17.01 3.90
CA ALA B 229 2.70 -17.83 3.85
C ALA B 229 2.97 -19.25 3.33
N ASN B 230 4.02 -19.39 2.55
CA ASN B 230 4.35 -20.70 2.01
C ASN B 230 5.32 -21.50 2.92
N ASN B 231 5.79 -20.91 4.00
CA ASN B 231 6.75 -21.51 4.91
C ASN B 231 6.24 -21.41 6.30
N ASP B 232 4.95 -21.74 6.51
CA ASP B 232 4.28 -21.73 7.82
C ASP B 232 4.36 -20.39 8.59
N PHE B 233 4.37 -19.29 7.85
CA PHE B 233 4.60 -17.96 8.37
C PHE B 233 5.82 -17.84 9.27
N LYS B 234 6.90 -18.53 8.95
CA LYS B 234 8.18 -18.25 9.63
C LYS B 234 8.62 -16.84 9.20
N PRO B 235 9.11 -15.98 10.14
CA PRO B 235 9.64 -14.65 9.78
C PRO B 235 10.88 -14.83 8.88
N GLY B 236 11.17 -13.98 7.90
CA GLY B 236 10.44 -12.76 7.59
C GLY B 236 10.65 -11.66 8.63
N PHE B 237 9.61 -10.87 8.86
CA PHE B 237 9.55 -9.73 9.76
C PHE B 237 8.56 -10.17 10.85
N SER B 238 9.05 -10.49 12.05
CA SER B 238 8.14 -11.06 13.02
C SER B 238 7.03 -10.06 13.49
N THR B 239 5.92 -10.60 13.90
CA THR B 239 4.89 -9.84 14.55
C THR B 239 5.41 -9.06 15.76
N ALA B 240 6.31 -9.68 16.52
CA ALA B 240 6.91 -9.02 17.64
C ALA B 240 7.60 -7.74 17.24
N LEU B 241 8.40 -7.77 16.17
CA LEU B 241 9.11 -6.58 15.76
C LEU B 241 8.18 -5.51 15.15
N MET B 242 7.19 -5.91 14.36
CA MET B 242 6.16 -4.95 13.85
C MET B 242 5.36 -4.31 14.96
N ASN B 243 4.99 -5.10 15.97
CA ASN B 243 4.35 -4.60 17.18
C ASN B 243 5.20 -3.56 17.90
N LYS B 244 6.48 -3.85 17.98
CA LYS B 244 7.39 -2.86 18.57
C LYS B 244 7.37 -1.60 17.74
N ASP B 245 7.49 -1.68 16.42
CA ASP B 245 7.47 -0.48 15.57
C ASP B 245 6.17 0.29 15.70
N LEU B 246 5.06 -0.40 15.75
CA LEU B 246 3.78 0.26 15.88
C LEU B 246 3.64 0.99 17.25
N GLY B 247 4.24 0.42 18.28
CA GLY B 247 4.29 1.06 19.62
C GLY B 247 5.04 2.37 19.49
N LEU B 248 6.17 2.35 18.75
CA LEU B 248 6.92 3.55 18.53
C LEU B 248 6.14 4.56 17.69
N ALA B 249 5.41 4.06 16.73
CA ALA B 249 4.54 4.97 15.95
C ALA B 249 3.45 5.68 16.85
N MET B 250 2.86 4.93 17.74
CA MET B 250 1.81 5.41 18.63
C MET B 250 2.47 6.39 19.61
N ASP B 251 3.74 6.13 20.02
CA ASP B 251 4.52 7.12 20.79
C ASP B 251 4.66 8.40 20.00
N ALA B 252 5.03 8.33 18.70
CA ALA B 252 5.16 9.49 17.87
C ALA B 252 3.80 10.24 17.70
N VAL B 253 2.70 9.49 17.53
CA VAL B 253 1.38 10.10 17.44
C VAL B 253 1.03 10.85 18.75
N ALA B 254 1.25 10.19 19.87
CA ALA B 254 0.95 10.76 21.15
C ALA B 254 1.82 11.99 21.40
N ALA B 255 3.10 11.96 21.02
CA ALA B 255 3.98 13.11 21.26
C ALA B 255 3.63 14.33 20.39
N THR B 256 3.11 14.12 19.18
CA THR B 256 2.80 15.18 18.30
C THR B 256 1.32 15.65 18.33
N GLY B 257 0.42 14.87 18.92
CA GLY B 257 -1.02 15.10 18.80
C GLY B 257 -1.60 14.81 17.42
N ALA B 258 -0.92 13.98 16.63
CA ALA B 258 -1.32 13.68 15.26
C ALA B 258 -2.55 12.80 15.33
N THR B 259 -3.30 12.79 14.25
CA THR B 259 -4.41 11.88 14.17
C THR B 259 -4.01 10.86 13.08
N ALA B 260 -4.07 9.61 13.45
CA ALA B 260 -3.68 8.53 12.55
C ALA B 260 -4.64 7.38 12.74
N PRO B 261 -5.87 7.50 12.23
CA PRO B 261 -6.92 6.53 12.55
C PRO B 261 -6.59 5.09 12.15
N LEU B 262 -6.12 4.91 10.91
CA LEU B 262 -5.83 3.58 10.45
C LEU B 262 -4.55 3.08 11.08
N GLY B 263 -3.54 3.95 11.20
CA GLY B 263 -2.30 3.52 11.84
C GLY B 263 -2.55 3.07 13.26
N SER B 264 -3.37 3.82 13.98
CA SER B 264 -3.71 3.45 15.39
C SER B 264 -4.57 2.17 15.46
N HIS B 265 -5.45 2.00 14.45
CA HIS B 265 -6.24 0.77 14.36
C HIS B 265 -5.34 -0.41 14.04
N ALA B 266 -4.37 -0.19 13.15
CA ALA B 266 -3.43 -1.23 12.87
C ALA B 266 -2.58 -1.61 14.10
N ALA B 267 -2.19 -0.61 14.89
CA ALA B 267 -1.47 -0.85 16.15
C ALA B 267 -2.26 -1.73 17.14
N ASP B 268 -3.56 -1.45 17.28
N ASP B 268 -3.56 -1.48 17.27
CA ASP B 268 -4.47 -2.25 18.11
CA ASP B 268 -4.40 -2.29 18.14
C ASP B 268 -4.55 -3.71 17.67
C ASP B 268 -4.51 -3.73 17.67
N ILE B 269 -4.72 -3.92 16.36
CA ILE B 269 -4.80 -5.23 15.75
C ILE B 269 -3.49 -6.00 15.98
N TYR B 270 -2.36 -5.35 15.80
CA TYR B 270 -1.05 -6.02 15.92
C TYR B 270 -0.70 -6.28 17.40
N ALA B 271 -1.09 -5.36 18.29
CA ALA B 271 -0.91 -5.60 19.70
C ALA B 271 -1.64 -6.88 20.16
N LYS B 272 -2.88 -7.07 19.70
CA LYS B 272 -3.66 -8.26 20.06
C LYS B 272 -3.08 -9.48 19.45
N PHE B 273 -2.71 -9.43 18.19
CA PHE B 273 -2.12 -10.59 17.50
C PHE B 273 -0.79 -10.98 18.14
N ALA B 274 0.01 -9.99 18.53
CA ALA B 274 1.31 -10.24 19.18
C ALA B 274 1.20 -11.00 20.48
N ALA B 275 0.06 -10.95 21.18
CA ALA B 275 -0.08 -11.63 22.45
C ALA B 275 0.08 -13.12 22.25
N ASP B 276 -0.44 -13.69 21.16
CA ASP B 276 -0.25 -15.11 20.93
C ASP B 276 0.59 -15.51 19.75
N HIS B 277 0.94 -14.58 18.87
CA HIS B 277 1.58 -14.94 17.60
C HIS B 277 2.75 -14.10 17.33
N ALA B 278 3.45 -13.73 18.41
CA ALA B 278 4.61 -12.83 18.33
C ALA B 278 5.66 -13.39 17.37
N ASP B 279 5.77 -14.70 17.33
CA ASP B 279 6.83 -15.39 16.62
C ASP B 279 6.47 -15.67 15.16
N LEU B 280 5.27 -15.32 14.70
CA LEU B 280 4.92 -15.50 13.29
C LEU B 280 5.21 -14.24 12.49
N ASP B 281 5.51 -14.40 11.22
CA ASP B 281 5.63 -13.25 10.34
C ASP B 281 4.40 -12.37 10.47
N PHE B 282 4.58 -11.06 10.39
CA PHE B 282 3.47 -10.17 10.57
C PHE B 282 2.35 -10.33 9.49
N SER B 283 2.66 -10.97 8.35
CA SER B 283 1.62 -11.33 7.33
C SER B 283 0.59 -12.30 7.85
N ALA B 284 0.96 -13.04 8.91
CA ALA B 284 0.09 -14.02 9.58
C ALA B 284 -1.18 -13.43 10.22
N VAL B 285 -1.23 -12.12 10.33
CA VAL B 285 -2.44 -11.45 10.81
C VAL B 285 -3.70 -11.86 9.99
N ILE B 286 -3.52 -12.34 8.75
CA ILE B 286 -4.61 -12.86 7.94
C ILE B 286 -5.43 -13.92 8.73
N HIS B 287 -4.80 -14.69 9.62
CA HIS B 287 -5.51 -15.68 10.44
C HIS B 287 -6.61 -15.08 11.30
N THR B 288 -6.45 -13.86 11.78
CA THR B 288 -7.49 -13.20 12.55
C THR B 288 -8.76 -12.84 11.79
N LEU B 289 -8.72 -12.85 10.46
CA LEU B 289 -9.88 -12.50 9.60
C LEU B 289 -10.68 -13.71 9.10
N ARG B 290 -10.22 -14.92 9.41
CA ARG B 290 -10.92 -16.13 9.06
C ARG B 290 -11.52 -16.75 10.30
N ALA B 291 -12.80 -17.09 10.19
CA ALA B 291 -13.61 -17.61 11.30
C ALA B 291 -13.65 -19.14 11.22
#